data_1H9R
#
_entry.id   1H9R
#
_cell.length_a   72.230
_cell.length_b   73.230
_cell.length_c   49.790
_cell.angle_alpha   90.00
_cell.angle_beta   90.00
_cell.angle_gamma   90.00
#
_symmetry.space_group_name_H-M   'P 41'
#
loop_
_entity.id
_entity.type
_entity.pdbx_description
1 polymer 'MOLYBDENUM TRANSPORT PROTEIN MODE'
2 non-polymer TUNGSTATE(VI)ION
3 non-polymer 'NICKEL (II) ION'
4 water water
#
_entity_poly.entity_id   1
_entity_poly.type   'polypeptide(L)'
_entity_poly.pdbx_seq_one_letter_code
;MQTSARNQWFGTITARDHDDVQQHVDVLLADGKTRLKVAITAQSGARLGLDEGKEVLILLKAPWVGITQDEAVAQNADNQ
LPGIISHIERGAEQCEVLMALPDGQTLCATVPVNEATSLQQGQNVTAYFNADSVIIATLC
;
_entity_poly.pdbx_strand_id   A,B
#
loop_
_chem_comp.id
_chem_comp.type
_chem_comp.name
_chem_comp.formula
NI non-polymer 'NICKEL (II) ION' 'Ni 2'
WO4 non-polymer TUNGSTATE(VI)ION 'O4 W -2'
#
# COMPACT_ATOMS: atom_id res chain seq x y z
N MET A 1 15.83 6.27 2.46
CA MET A 1 15.05 5.18 1.84
C MET A 1 15.67 3.82 2.11
N GLN A 2 14.75 2.97 2.49
CA GLN A 2 14.72 1.59 2.85
C GLN A 2 13.25 1.55 3.35
N THR A 3 12.43 0.79 2.64
CA THR A 3 11.06 0.70 3.15
C THR A 3 10.80 -0.80 3.31
N SER A 4 9.76 -1.12 4.04
CA SER A 4 9.39 -2.51 4.26
C SER A 4 8.86 -3.15 3.00
N ALA A 5 8.44 -2.35 2.02
CA ALA A 5 7.90 -2.93 0.79
C ALA A 5 8.97 -3.85 0.20
N ARG A 6 8.59 -5.12 0.08
CA ARG A 6 9.51 -6.12 -0.45
C ARG A 6 9.75 -6.00 -1.94
N ASN A 7 8.86 -5.34 -2.66
CA ASN A 7 9.05 -5.16 -4.12
C ASN A 7 9.37 -3.67 -4.33
N GLN A 8 10.55 -3.33 -4.79
CA GLN A 8 10.91 -1.93 -5.03
C GLN A 8 11.58 -1.87 -6.38
N TRP A 9 10.87 -1.33 -7.37
CA TRP A 9 11.35 -1.39 -8.74
C TRP A 9 11.52 -0.02 -9.40
N PHE A 10 12.58 0.12 -10.17
CA PHE A 10 12.81 1.31 -10.96
C PHE A 10 11.79 1.39 -12.09
N GLY A 11 11.37 2.57 -12.50
CA GLY A 11 10.44 2.66 -13.64
C GLY A 11 10.49 4.09 -14.22
N THR A 12 9.95 4.24 -15.43
CA THR A 12 9.90 5.55 -16.05
C THR A 12 8.44 5.86 -16.39
N ILE A 13 7.93 7.04 -16.02
CA ILE A 13 6.55 7.37 -16.38
C ILE A 13 6.45 7.55 -17.91
N THR A 14 5.48 6.94 -18.57
CA THR A 14 5.34 7.11 -20.02
C THR A 14 4.00 7.75 -20.38
N ALA A 15 3.13 7.97 -19.38
CA ALA A 15 1.83 8.63 -19.62
C ALA A 15 1.19 9.00 -18.28
N ARG A 16 0.39 10.04 -18.28
CA ARG A 16 -0.33 10.47 -17.11
C ARG A 16 -1.64 11.13 -17.54
N ASP A 17 -2.72 10.80 -16.85
CA ASP A 17 -4.00 11.44 -17.25
C ASP A 17 -4.21 12.66 -16.37
N HIS A 18 -5.34 13.34 -16.52
CA HIS A 18 -5.48 14.54 -15.69
C HIS A 18 -6.76 14.63 -14.89
N ASP A 19 -7.37 13.53 -14.49
CA ASP A 19 -8.55 13.59 -13.62
C ASP A 19 -8.21 14.49 -12.43
N ASP A 20 -9.24 15.17 -11.95
CA ASP A 20 -9.13 16.10 -10.85
C ASP A 20 -9.00 15.49 -9.46
N VAL A 21 -9.30 14.21 -9.25
CA VAL A 21 -9.25 13.63 -7.90
C VAL A 21 -8.25 12.48 -7.85
N GLN A 22 -8.37 11.57 -8.81
CA GLN A 22 -7.41 10.48 -8.86
C GLN A 22 -6.99 10.28 -10.31
N GLN A 23 -5.69 10.34 -10.55
CA GLN A 23 -5.12 10.12 -11.86
C GLN A 23 -4.38 8.80 -11.99
N HIS A 24 -4.09 8.40 -13.22
CA HIS A 24 -3.37 7.14 -13.46
C HIS A 24 -2.16 7.40 -14.35
N VAL A 25 -1.07 6.72 -14.04
CA VAL A 25 0.17 6.83 -14.83
C VAL A 25 0.55 5.47 -15.36
N ASP A 26 1.17 5.42 -16.53
CA ASP A 26 1.73 4.19 -17.06
C ASP A 26 3.22 4.23 -16.69
N VAL A 27 3.80 3.12 -16.29
CA VAL A 27 5.19 3.10 -15.87
C VAL A 27 5.90 1.94 -16.57
N LEU A 28 7.03 2.24 -17.22
CA LEU A 28 7.76 1.17 -17.92
C LEU A 28 8.91 0.76 -17.01
N LEU A 29 9.01 -0.50 -16.61
CA LEU A 29 10.05 -0.93 -15.68
C LEU A 29 11.46 -1.02 -16.28
N ALA A 30 12.43 -1.42 -15.45
CA ALA A 30 13.85 -1.50 -15.81
C ALA A 30 14.14 -2.42 -16.99
N ASP A 31 13.30 -3.44 -17.19
CA ASP A 31 13.53 -4.36 -18.31
C ASP A 31 13.17 -3.70 -19.64
N GLY A 32 12.71 -2.45 -19.61
CA GLY A 32 12.29 -1.80 -20.87
C GLY A 32 11.13 -2.59 -21.52
N LYS A 33 10.42 -3.46 -20.79
CA LYS A 33 9.35 -4.24 -21.38
C LYS A 33 8.09 -4.23 -20.53
N THR A 34 8.23 -4.44 -19.23
CA THR A 34 7.04 -4.55 -18.39
C THR A 34 6.41 -3.20 -18.17
N ARG A 35 5.09 -3.15 -18.33
CA ARG A 35 4.36 -1.90 -18.13
C ARG A 35 3.37 -2.02 -16.98
N LEU A 36 3.34 -1.03 -16.08
CA LEU A 36 2.42 -1.07 -14.97
C LEU A 36 1.43 0.08 -15.08
N LYS A 37 0.28 -0.05 -14.41
CA LYS A 37 -0.64 1.07 -14.31
C LYS A 37 -0.70 1.44 -12.82
N VAL A 38 -0.58 2.72 -12.49
CA VAL A 38 -0.64 3.11 -11.09
C VAL A 38 -1.55 4.30 -10.85
N ALA A 39 -2.35 4.25 -9.79
CA ALA A 39 -3.21 5.39 -9.50
C ALA A 39 -2.61 6.23 -8.39
N ILE A 40 -2.74 7.55 -8.48
CA ILE A 40 -2.32 8.40 -7.38
C ILE A 40 -3.33 9.57 -7.33
N THR A 41 -3.31 10.32 -6.24
CA THR A 41 -4.17 11.50 -6.16
C THR A 41 -3.60 12.56 -7.11
N ALA A 42 -4.49 13.39 -7.60
CA ALA A 42 -4.10 14.50 -8.48
C ALA A 42 -3.02 15.35 -7.84
N GLN A 43 -3.18 15.61 -6.55
CA GLN A 43 -2.19 16.43 -5.83
C GLN A 43 -0.79 15.84 -5.87
N SER A 44 -0.70 14.53 -5.62
CA SER A 44 0.58 13.85 -5.65
C SER A 44 1.18 13.84 -7.05
N GLY A 45 0.37 13.68 -8.07
CA GLY A 45 0.85 13.63 -9.45
C GLY A 45 1.60 14.95 -9.72
N ALA A 46 0.97 16.05 -9.33
CA ALA A 46 1.56 17.37 -9.50
C ALA A 46 2.79 17.59 -8.64
N ARG A 47 2.71 17.23 -7.35
CA ARG A 47 3.80 17.41 -6.42
C ARG A 47 5.08 16.69 -6.80
N LEU A 48 4.98 15.43 -7.20
CA LEU A 48 6.10 14.62 -7.61
C LEU A 48 6.50 14.85 -9.07
N GLY A 49 5.76 15.59 -9.84
CA GLY A 49 6.11 15.80 -11.26
C GLY A 49 6.06 14.49 -12.05
N LEU A 50 4.97 13.75 -11.95
CA LEU A 50 4.79 12.48 -12.61
C LEU A 50 4.34 12.61 -14.06
N ASP A 51 5.26 13.10 -14.86
CA ASP A 51 5.01 13.36 -16.28
C ASP A 51 5.89 12.46 -17.16
N GLU A 52 5.58 12.36 -18.45
CA GLU A 52 6.38 11.46 -19.31
C GLU A 52 7.87 11.68 -19.08
N GLY A 53 8.68 10.62 -19.02
CA GLY A 53 10.10 10.76 -18.78
C GLY A 53 10.57 10.77 -17.34
N LYS A 54 9.64 10.89 -16.38
CA LYS A 54 10.04 10.99 -14.98
C LYS A 54 10.46 9.63 -14.41
N GLU A 55 11.66 9.54 -13.88
CA GLU A 55 12.17 8.28 -13.32
C GLU A 55 11.69 8.15 -11.88
N VAL A 56 11.22 7.01 -11.48
CA VAL A 56 10.66 6.82 -10.12
C VAL A 56 10.98 5.42 -9.60
N LEU A 57 10.53 5.18 -8.37
CA LEU A 57 10.62 3.85 -7.75
C LEU A 57 9.19 3.39 -7.44
N ILE A 58 8.87 2.17 -7.80
CA ILE A 58 7.57 1.56 -7.55
C ILE A 58 7.69 0.79 -6.24
N LEU A 59 6.84 1.07 -5.27
CA LEU A 59 6.86 0.38 -3.98
C LEU A 59 5.57 -0.44 -3.88
N LEU A 60 5.76 -1.74 -3.85
CA LEU A 60 4.62 -2.66 -3.81
C LEU A 60 4.78 -3.60 -2.61
N LYS A 61 3.97 -3.35 -1.60
CA LYS A 61 4.00 -4.17 -0.38
C LYS A 61 3.60 -5.61 -0.66
N ALA A 62 4.25 -6.59 -0.04
CA ALA A 62 3.98 -8.00 -0.32
C ALA A 62 2.56 -8.48 -0.28
N PRO A 63 1.74 -8.07 0.65
CA PRO A 63 0.37 -8.57 0.78
C PRO A 63 -0.54 -8.06 -0.31
N TRP A 64 -0.16 -7.04 -1.09
CA TRP A 64 -1.00 -6.56 -2.17
C TRP A 64 -0.95 -7.46 -3.43
N VAL A 65 0.00 -8.38 -3.46
CA VAL A 65 0.22 -9.20 -4.64
C VAL A 65 -0.54 -10.50 -4.57
N GLY A 66 -1.44 -10.71 -5.53
CA GLY A 66 -2.21 -11.95 -5.61
C GLY A 66 -1.44 -12.90 -6.55
N ILE A 67 -1.72 -14.20 -6.41
CA ILE A 67 -1.05 -15.21 -7.23
C ILE A 67 -2.18 -16.04 -7.87
N THR A 68 -2.11 -16.18 -9.19
CA THR A 68 -3.16 -16.99 -9.82
C THR A 68 -2.59 -17.75 -11.03
N GLN A 69 -3.35 -18.78 -11.44
CA GLN A 69 -3.04 -19.50 -12.67
C GLN A 69 -4.15 -19.28 -13.68
N ASP A 70 -5.17 -18.50 -13.34
CA ASP A 70 -6.33 -18.23 -14.17
C ASP A 70 -6.13 -16.99 -15.05
N GLU A 71 -6.29 -17.14 -16.37
CA GLU A 71 -6.03 -16.04 -17.28
C GLU A 71 -7.05 -14.92 -17.15
N ALA A 72 -8.31 -15.27 -16.88
CA ALA A 72 -9.29 -14.20 -16.67
C ALA A 72 -8.92 -13.37 -15.43
N VAL A 73 -8.63 -14.02 -14.30
CA VAL A 73 -8.32 -13.30 -13.06
C VAL A 73 -7.16 -12.33 -13.34
N ALA A 74 -6.12 -12.85 -13.97
CA ALA A 74 -4.93 -12.03 -14.26
C ALA A 74 -5.27 -10.92 -15.24
N GLN A 75 -6.06 -11.21 -16.28
CA GLN A 75 -6.38 -10.13 -17.22
C GLN A 75 -7.36 -9.14 -16.62
N ASN A 76 -8.16 -9.57 -15.65
CA ASN A 76 -9.07 -8.66 -14.97
C ASN A 76 -8.34 -7.65 -14.07
N ALA A 77 -7.19 -8.01 -13.52
CA ALA A 77 -6.41 -7.10 -12.69
C ALA A 77 -5.74 -6.02 -13.53
N ASP A 78 -5.42 -4.90 -12.89
CA ASP A 78 -4.75 -3.78 -13.50
C ASP A 78 -3.34 -4.08 -13.94
N ASN A 79 -2.67 -4.98 -13.22
CA ASN A 79 -1.27 -5.31 -13.47
C ASN A 79 -1.10 -6.83 -13.36
N GLN A 80 -0.27 -7.42 -14.21
CA GLN A 80 -0.08 -8.87 -14.06
C GLN A 80 1.33 -9.18 -14.54
N LEU A 81 2.08 -9.93 -13.75
CA LEU A 81 3.45 -10.31 -14.00
C LEU A 81 3.61 -11.83 -13.93
N PRO A 82 3.77 -12.48 -15.08
CA PRO A 82 3.95 -13.92 -15.13
C PRO A 82 5.34 -14.30 -14.63
N GLY A 83 5.55 -15.54 -14.18
CA GLY A 83 6.86 -15.96 -13.66
C GLY A 83 6.71 -17.34 -13.03
N ILE A 84 7.75 -17.77 -12.33
CA ILE A 84 7.71 -19.11 -11.78
C ILE A 84 7.99 -19.08 -10.29
N ILE A 85 7.18 -19.80 -9.52
CA ILE A 85 7.45 -19.78 -8.06
C ILE A 85 8.83 -20.38 -7.79
N SER A 86 9.72 -19.64 -7.14
CA SER A 86 11.06 -20.11 -6.83
C SER A 86 11.16 -20.64 -5.41
N HIS A 87 10.22 -20.25 -4.53
CA HIS A 87 10.28 -20.66 -3.14
C HIS A 87 8.98 -20.31 -2.42
N ILE A 88 8.60 -21.18 -1.51
CA ILE A 88 7.48 -20.92 -0.62
C ILE A 88 7.92 -21.22 0.81
N GLU A 89 7.63 -20.24 1.71
CA GLU A 89 7.83 -20.48 3.13
C GLU A 89 6.46 -20.47 3.80
N ARG A 90 6.02 -21.64 4.30
CA ARG A 90 4.72 -21.68 4.94
C ARG A 90 4.84 -21.10 6.36
N GLY A 91 3.76 -20.51 6.82
CA GLY A 91 3.73 -19.98 8.20
C GLY A 91 2.39 -20.35 8.82
N ALA A 92 2.13 -20.00 10.07
CA ALA A 92 0.89 -20.33 10.76
C ALA A 92 -0.35 -19.63 10.23
N GLU A 93 -0.18 -18.39 9.74
CA GLU A 93 -1.33 -17.65 9.18
C GLU A 93 -1.08 -17.14 7.78
N GLN A 94 0.19 -16.94 7.45
CA GLN A 94 0.56 -16.42 6.14
C GLN A 94 1.70 -17.23 5.51
N CYS A 95 1.87 -17.12 4.21
CA CYS A 95 2.94 -17.79 3.49
C CYS A 95 3.69 -16.81 2.60
N GLU A 96 5.03 -16.96 2.60
CA GLU A 96 5.78 -16.04 1.74
C GLU A 96 5.98 -16.73 0.40
N VAL A 97 5.55 -16.05 -0.67
CA VAL A 97 5.73 -16.75 -1.97
C VAL A 97 6.71 -15.95 -2.81
N LEU A 98 7.82 -16.55 -3.25
CA LEU A 98 8.75 -15.82 -4.11
C LEU A 98 8.63 -16.32 -5.54
N MET A 99 8.58 -15.38 -6.49
CA MET A 99 8.41 -15.78 -7.89
C MET A 99 9.51 -15.13 -8.69
N ALA A 100 10.09 -15.97 -9.57
CA ALA A 100 11.18 -15.43 -10.40
C ALA A 100 10.55 -14.77 -11.61
N LEU A 101 10.98 -13.53 -11.88
CA LEU A 101 10.57 -12.79 -13.06
C LEU A 101 11.71 -12.86 -14.06
N PRO A 102 11.46 -12.84 -15.35
CA PRO A 102 12.51 -12.89 -16.38
C PRO A 102 13.49 -11.74 -16.18
N ASP A 103 13.08 -10.86 -15.30
CA ASP A 103 13.74 -9.70 -14.75
C ASP A 103 15.06 -9.99 -14.07
N GLY A 104 15.14 -11.22 -13.59
CA GLY A 104 16.31 -11.67 -12.81
C GLY A 104 15.90 -11.27 -11.36
N GLN A 105 14.79 -10.56 -11.29
CA GLN A 105 14.26 -10.09 -10.03
C GLN A 105 13.43 -11.19 -9.34
N THR A 106 13.27 -11.01 -8.03
CA THR A 106 12.41 -11.96 -7.29
C THR A 106 11.23 -11.15 -6.79
N LEU A 107 10.01 -11.49 -7.17
CA LEU A 107 8.84 -10.82 -6.63
C LEU A 107 8.45 -11.56 -5.34
N CYS A 108 8.03 -10.78 -4.34
CA CYS A 108 7.60 -11.38 -3.09
C CYS A 108 6.12 -11.11 -2.84
N ALA A 109 5.33 -12.13 -2.51
CA ALA A 109 3.95 -11.98 -2.15
C ALA A 109 3.72 -12.62 -0.76
N THR A 110 2.85 -12.07 0.04
CA THR A 110 2.44 -12.61 1.33
C THR A 110 1.00 -13.07 1.08
N VAL A 111 0.76 -14.37 1.08
CA VAL A 111 -0.55 -14.93 0.77
C VAL A 111 -1.08 -15.66 1.99
N PRO A 112 -2.34 -15.49 2.34
CA PRO A 112 -2.92 -16.13 3.52
C PRO A 112 -2.73 -17.65 3.38
N VAL A 113 -2.37 -18.23 4.51
CA VAL A 113 -1.96 -19.64 4.53
C VAL A 113 -3.00 -20.54 3.89
N ASN A 114 -4.29 -20.33 4.17
CA ASN A 114 -5.31 -21.20 3.60
C ASN A 114 -5.39 -21.02 2.09
N GLU A 115 -5.12 -19.82 1.57
CA GLU A 115 -5.18 -19.63 0.13
C GLU A 115 -3.93 -20.08 -0.62
N ALA A 116 -2.86 -20.41 0.08
CA ALA A 116 -1.63 -20.78 -0.60
C ALA A 116 -1.40 -22.30 -0.65
N THR A 117 -2.31 -23.10 -0.11
CA THR A 117 -2.05 -24.54 -0.04
C THR A 117 -1.88 -25.13 -1.44
N SER A 118 -2.59 -24.62 -2.44
CA SER A 118 -2.40 -25.18 -3.78
C SER A 118 -1.20 -24.61 -4.49
N LEU A 119 -0.50 -23.61 -3.92
CA LEU A 119 0.66 -23.03 -4.60
C LEU A 119 1.89 -23.88 -4.27
N GLN A 120 2.76 -24.12 -5.25
CA GLN A 120 3.97 -24.87 -4.98
C GLN A 120 5.18 -24.34 -5.76
N GLN A 121 6.38 -24.46 -5.22
CA GLN A 121 7.57 -24.05 -5.97
C GLN A 121 7.53 -24.79 -7.34
N GLY A 122 7.89 -24.08 -8.39
CA GLY A 122 7.96 -24.63 -9.73
C GLY A 122 6.78 -24.32 -10.61
N GLN A 123 5.65 -23.91 -10.02
CA GLN A 123 4.47 -23.64 -10.81
C GLN A 123 4.63 -22.35 -11.61
N ASN A 124 4.01 -22.36 -12.80
CA ASN A 124 4.06 -21.13 -13.60
C ASN A 124 2.77 -20.40 -13.20
N VAL A 125 2.89 -19.18 -12.69
CA VAL A 125 1.75 -18.48 -12.16
C VAL A 125 1.84 -17.03 -12.67
N THR A 126 0.87 -16.23 -12.36
CA THR A 126 0.86 -14.81 -12.68
C THR A 126 0.60 -14.07 -11.38
N ALA A 127 1.42 -13.10 -11.09
CA ALA A 127 1.28 -12.21 -9.93
C ALA A 127 0.45 -11.02 -10.42
N TYR A 128 -0.49 -10.54 -9.62
CA TYR A 128 -1.34 -9.46 -10.10
C TYR A 128 -1.69 -8.54 -8.92
N PHE A 129 -2.00 -7.29 -9.31
CA PHE A 129 -2.33 -6.33 -8.24
C PHE A 129 -3.02 -5.11 -8.85
N ASN A 130 -3.71 -4.37 -7.99
CA ASN A 130 -4.38 -3.16 -8.47
C ASN A 130 -3.46 -1.99 -8.75
N ALA A 131 -3.92 -1.07 -9.60
CA ALA A 131 -3.19 0.20 -9.81
C ALA A 131 -3.13 1.02 -8.52
N ASP A 132 -4.17 0.94 -7.66
CA ASP A 132 -4.12 1.70 -6.41
C ASP A 132 -3.37 0.99 -5.30
N SER A 133 -2.69 -0.14 -5.53
CA SER A 133 -1.97 -0.79 -4.44
C SER A 133 -0.49 -0.35 -4.41
N VAL A 134 -0.13 0.50 -5.38
CA VAL A 134 1.25 0.91 -5.57
C VAL A 134 1.54 2.32 -5.08
N ILE A 135 2.64 2.51 -4.37
CA ILE A 135 3.08 3.86 -4.02
C ILE A 135 4.22 4.20 -5.01
N ILE A 136 4.22 5.43 -5.50
CA ILE A 136 5.34 5.88 -6.32
C ILE A 136 6.28 6.76 -5.48
N ALA A 137 7.57 6.51 -5.53
CA ALA A 137 8.52 7.27 -4.75
C ALA A 137 9.54 7.93 -5.71
N THR A 138 9.98 9.13 -5.37
CA THR A 138 10.94 9.88 -6.20
C THR A 138 12.28 9.61 -5.53
N LEU A 139 13.36 9.46 -6.28
CA LEU A 139 14.64 9.11 -5.66
C LEU A 139 14.96 9.98 -4.45
N MET B 1 12.05 10.11 1.32
CA MET B 1 11.09 10.95 2.08
C MET B 1 9.93 11.32 1.16
N GLN B 2 10.20 11.26 -0.14
CA GLN B 2 9.20 11.70 -1.10
C GLN B 2 8.51 10.59 -1.91
N THR B 3 7.28 10.35 -1.47
CA THR B 3 6.42 9.34 -2.06
C THR B 3 5.04 9.96 -2.28
N SER B 4 4.27 9.29 -3.13
CA SER B 4 2.93 9.72 -3.46
C SER B 4 1.97 9.52 -2.30
N ALA B 5 2.32 8.68 -1.29
CA ALA B 5 1.37 8.50 -0.21
C ALA B 5 0.97 9.86 0.38
N ARG B 6 -0.35 10.13 0.39
CA ARG B 6 -0.81 11.39 0.98
C ARG B 6 -0.70 11.40 2.50
N ASN B 7 -0.61 10.23 3.14
CA ASN B 7 -0.47 10.17 4.60
C ASN B 7 0.96 9.72 4.92
N GLN B 8 1.77 10.60 5.48
CA GLN B 8 3.18 10.25 5.76
C GLN B 8 3.41 10.68 7.20
N TRP B 9 3.30 9.78 8.17
CA TRP B 9 3.32 10.12 9.56
C TRP B 9 4.54 9.55 10.29
N PHE B 10 5.25 10.47 10.94
CA PHE B 10 6.43 10.03 11.70
C PHE B 10 5.98 9.31 12.95
N GLY B 11 6.77 8.29 13.35
CA GLY B 11 6.40 7.61 14.61
C GLY B 11 7.58 6.80 15.14
N THR B 12 7.33 6.05 16.21
CA THR B 12 8.38 5.20 16.76
C THR B 12 7.86 3.80 17.07
N ILE B 13 8.64 2.77 16.80
CA ILE B 13 8.24 1.40 17.09
C ILE B 13 8.17 1.22 18.62
N THR B 14 7.09 0.63 19.11
CA THR B 14 7.00 0.35 20.52
C THR B 14 7.08 -1.14 20.80
N ALA B 15 6.88 -1.99 19.79
CA ALA B 15 6.97 -3.42 19.99
C ALA B 15 7.00 -4.13 18.63
N ARG B 16 7.62 -5.30 18.63
CA ARG B 16 7.64 -6.09 17.40
C ARG B 16 7.60 -7.57 17.77
N ASP B 17 6.73 -8.33 17.11
CA ASP B 17 6.67 -9.75 17.49
C ASP B 17 7.65 -10.52 16.60
N HIS B 18 7.70 -11.83 16.77
CA HIS B 18 8.69 -12.60 15.99
C HIS B 18 8.03 -13.73 15.23
N ASP B 19 6.86 -13.42 14.67
CA ASP B 19 6.18 -14.42 13.85
C ASP B 19 7.12 -14.72 12.68
N ASP B 20 7.07 -15.94 12.16
CA ASP B 20 7.97 -16.36 11.10
C ASP B 20 7.83 -15.76 9.72
N VAL B 21 6.61 -15.54 9.24
CA VAL B 21 6.53 -15.05 7.82
C VAL B 21 6.11 -13.58 7.76
N GLN B 22 5.13 -13.27 8.57
CA GLN B 22 4.58 -11.91 8.68
C GLN B 22 4.51 -11.58 10.17
N GLN B 23 5.09 -10.44 10.54
CA GLN B 23 5.18 -10.01 11.92
C GLN B 23 4.42 -8.71 12.08
N HIS B 24 4.04 -8.44 13.31
CA HIS B 24 3.36 -7.20 13.66
C HIS B 24 4.23 -6.31 14.56
N VAL B 25 4.19 -5.02 14.23
CA VAL B 25 4.83 -3.98 15.01
C VAL B 25 3.74 -3.01 15.48
N ASP B 26 3.96 -2.47 16.66
CA ASP B 26 3.12 -1.43 17.23
C ASP B 26 3.89 -0.12 17.02
N VAL B 27 3.19 0.88 16.52
CA VAL B 27 3.88 2.15 16.29
C VAL B 27 3.17 3.25 17.08
N LEU B 28 3.92 4.09 17.77
CA LEU B 28 3.30 5.23 18.46
C LEU B 28 3.57 6.46 17.59
N LEU B 29 2.59 7.22 17.09
CA LEU B 29 2.90 8.35 16.20
C LEU B 29 3.55 9.54 16.88
N ALA B 30 4.13 10.47 16.12
CA ALA B 30 4.77 11.64 16.72
C ALA B 30 3.82 12.44 17.62
N ASP B 31 2.52 12.27 17.48
CA ASP B 31 1.59 13.03 18.32
C ASP B 31 1.63 12.48 19.75
N GLY B 32 2.40 11.42 19.93
CA GLY B 32 2.52 10.76 21.23
C GLY B 32 1.28 10.10 21.76
N LYS B 33 0.22 9.95 20.96
CA LYS B 33 -0.97 9.27 21.46
C LYS B 33 -1.51 8.23 20.46
N THR B 34 -1.38 8.51 19.19
CA THR B 34 -1.93 7.60 18.17
C THR B 34 -1.13 6.33 18.03
N ARG B 35 -1.80 5.19 18.25
CA ARG B 35 -1.15 3.89 18.10
C ARG B 35 -1.62 3.16 16.86
N LEU B 36 -0.68 2.60 16.10
CA LEU B 36 -1.04 1.82 14.92
C LEU B 36 -0.45 0.41 15.03
N LYS B 37 -1.11 -0.48 14.31
CA LYS B 37 -0.67 -1.86 14.18
C LYS B 37 -0.29 -1.97 12.67
N VAL B 38 0.89 -2.47 12.40
CA VAL B 38 1.40 -2.63 11.06
C VAL B 38 1.97 -4.04 10.88
N ALA B 39 1.66 -4.65 9.75
CA ALA B 39 2.22 -6.00 9.51
C ALA B 39 3.24 -5.86 8.38
N ILE B 40 4.38 -6.50 8.57
CA ILE B 40 5.45 -6.49 7.55
C ILE B 40 6.03 -7.90 7.43
N THR B 41 6.79 -8.17 6.37
CA THR B 41 7.39 -9.51 6.32
C THR B 41 8.47 -9.65 7.39
N ALA B 42 8.76 -10.90 7.77
CA ALA B 42 9.83 -11.11 8.75
C ALA B 42 11.15 -10.56 8.21
N GLN B 43 11.44 -10.74 6.92
CA GLN B 43 12.72 -10.24 6.39
C GLN B 43 12.79 -8.73 6.52
N SER B 44 11.63 -8.06 6.29
CA SER B 44 11.66 -6.60 6.40
C SER B 44 11.92 -6.17 7.84
N GLY B 45 11.29 -6.84 8.79
CA GLY B 45 11.43 -6.50 10.20
C GLY B 45 12.91 -6.51 10.61
N ALA B 46 13.59 -7.55 10.15
CA ALA B 46 15.01 -7.74 10.44
C ALA B 46 15.86 -6.73 9.70
N ARG B 47 15.67 -6.65 8.39
CA ARG B 47 16.37 -5.74 7.49
C ARG B 47 16.26 -4.29 7.92
N LEU B 48 15.12 -3.79 8.36
CA LEU B 48 14.98 -2.39 8.74
C LEU B 48 15.33 -2.20 10.22
N GLY B 49 15.55 -3.31 10.91
CA GLY B 49 15.82 -3.27 12.36
C GLY B 49 14.64 -2.59 13.07
N LEU B 50 13.44 -3.11 12.92
CA LEU B 50 12.23 -2.50 13.47
C LEU B 50 11.97 -2.96 14.89
N ASP B 51 12.78 -2.46 15.82
CA ASP B 51 12.69 -2.89 17.21
C ASP B 51 12.31 -1.70 18.09
N GLU B 52 11.91 -1.92 19.33
CA GLU B 52 11.54 -0.87 20.25
C GLU B 52 12.45 0.34 20.14
N GLY B 53 11.87 1.53 20.04
CA GLY B 53 12.59 2.78 19.95
C GLY B 53 13.00 3.20 18.55
N LYS B 54 12.88 2.31 17.56
CA LYS B 54 13.26 2.72 16.19
C LYS B 54 12.36 3.77 15.59
N GLU B 55 12.88 4.91 15.15
CA GLU B 55 12.13 5.97 14.51
C GLU B 55 11.73 5.59 13.08
N VAL B 56 10.48 5.77 12.68
CA VAL B 56 10.09 5.38 11.32
C VAL B 56 9.09 6.37 10.72
N LEU B 57 8.86 6.23 9.43
CA LEU B 57 7.87 7.05 8.74
C LEU B 57 6.79 6.10 8.21
N ILE B 58 5.53 6.29 8.58
CA ILE B 58 4.45 5.44 8.13
C ILE B 58 3.93 5.96 6.78
N LEU B 59 3.74 5.10 5.80
CA LEU B 59 3.29 5.54 4.47
C LEU B 59 1.96 4.81 4.22
N LEU B 60 0.90 5.60 4.21
CA LEU B 60 -0.44 5.06 4.05
C LEU B 60 -1.08 5.73 2.83
N LYS B 61 -1.17 5.00 1.74
CA LYS B 61 -1.72 5.59 0.48
C LYS B 61 -3.18 5.99 0.69
N ALA B 62 -3.64 7.03 0.04
CA ALA B 62 -5.01 7.50 0.23
C ALA B 62 -6.09 6.46 0.01
N PRO B 63 -6.05 5.67 -1.04
CA PRO B 63 -7.10 4.69 -1.26
C PRO B 63 -7.10 3.57 -0.22
N TRP B 64 -6.04 3.41 0.56
CA TRP B 64 -6.04 2.33 1.56
C TRP B 64 -6.86 2.76 2.79
N VAL B 65 -7.28 4.01 2.81
CA VAL B 65 -8.04 4.48 3.99
C VAL B 65 -9.54 4.48 3.75
N GLY B 66 -10.29 3.73 4.55
CA GLY B 66 -11.75 3.78 4.44
C GLY B 66 -12.26 4.87 5.39
N ILE B 67 -13.45 5.39 5.10
CA ILE B 67 -14.01 6.39 6.02
C ILE B 67 -15.40 5.82 6.38
N THR B 68 -15.71 5.69 7.66
CA THR B 68 -17.02 5.11 8.00
C THR B 68 -17.74 5.88 9.09
N GLN B 69 -19.07 5.77 9.05
CA GLN B 69 -19.91 6.27 10.13
C GLN B 69 -20.44 5.06 10.91
N ASP B 70 -20.07 3.85 10.51
CA ASP B 70 -20.49 2.61 11.19
C ASP B 70 -19.39 2.13 12.12
N GLU B 71 -19.64 2.24 13.43
CA GLU B 71 -18.62 1.87 14.44
C GLU B 71 -18.16 0.42 14.31
N ALA B 72 -19.05 -0.48 13.94
CA ALA B 72 -18.63 -1.88 13.76
C ALA B 72 -17.63 -2.03 12.61
N VAL B 73 -17.79 -1.29 11.53
CA VAL B 73 -16.85 -1.32 10.41
C VAL B 73 -15.47 -0.89 10.95
N ALA B 74 -15.48 0.22 11.68
CA ALA B 74 -14.22 0.75 12.23
C ALA B 74 -13.57 -0.31 13.11
N GLN B 75 -14.32 -0.82 14.08
CA GLN B 75 -13.86 -1.84 15.00
C GLN B 75 -13.47 -3.16 14.36
N ASN B 76 -13.95 -3.52 13.19
CA ASN B 76 -13.54 -4.74 12.52
C ASN B 76 -12.12 -4.59 11.92
N ALA B 77 -11.68 -3.35 11.76
CA ALA B 77 -10.38 -3.10 11.18
C ALA B 77 -9.25 -3.11 12.19
N ASP B 78 -8.00 -3.29 11.72
CA ASP B 78 -6.92 -3.28 12.71
C ASP B 78 -6.69 -1.89 13.28
N ASN B 79 -6.91 -0.83 12.50
CA ASN B 79 -6.64 0.51 12.95
C ASN B 79 -7.85 1.42 12.79
N GLN B 80 -8.11 2.28 13.76
CA GLN B 80 -9.25 3.18 13.72
C GLN B 80 -8.76 4.59 14.10
N LEU B 81 -9.08 5.62 13.35
CA LEU B 81 -8.66 6.97 13.67
C LEU B 81 -9.88 7.90 13.57
N PRO B 82 -10.58 8.10 14.68
CA PRO B 82 -11.73 8.99 14.69
C PRO B 82 -11.30 10.38 14.26
N GLY B 83 -12.22 11.13 13.65
CA GLY B 83 -11.91 12.49 13.21
C GLY B 83 -13.22 13.18 12.74
N ILE B 84 -12.99 14.33 12.16
CA ILE B 84 -14.02 15.20 11.66
C ILE B 84 -13.73 15.61 10.23
N ILE B 85 -14.67 15.26 9.33
CA ILE B 85 -14.45 15.64 7.93
C ILE B 85 -14.27 17.13 7.80
N SER B 86 -13.17 17.54 7.16
CA SER B 86 -12.94 18.99 6.97
C SER B 86 -13.18 19.42 5.54
N HIS B 87 -13.18 18.46 4.59
CA HIS B 87 -13.40 18.79 3.21
C HIS B 87 -13.69 17.56 2.37
N ILE B 88 -14.56 17.73 1.38
CA ILE B 88 -14.82 16.61 0.48
C ILE B 88 -14.76 17.16 -0.94
N GLU B 89 -13.97 16.50 -1.77
CA GLU B 89 -13.86 16.87 -3.17
C GLU B 89 -14.35 15.67 -3.99
N ARG B 90 -15.48 15.87 -4.66
CA ARG B 90 -16.07 14.77 -5.42
C ARG B 90 -15.72 14.77 -6.90
N GLY B 91 -15.17 13.66 -7.36
CA GLY B 91 -14.83 13.47 -8.77
C GLY B 91 -15.90 12.57 -9.38
N ALA B 92 -15.76 12.18 -10.64
CA ALA B 92 -16.71 11.30 -11.28
C ALA B 92 -16.73 9.88 -10.73
N GLU B 93 -15.51 9.42 -10.37
CA GLU B 93 -15.37 8.06 -9.87
C GLU B 93 -14.86 7.98 -8.42
N GLN B 94 -14.06 8.96 -8.03
CA GLN B 94 -13.48 8.91 -6.67
C GLN B 94 -13.77 10.23 -5.99
N CYS B 95 -13.62 10.27 -4.67
CA CYS B 95 -13.76 11.48 -3.91
C CYS B 95 -12.61 11.62 -2.89
N GLU B 96 -12.09 12.81 -2.83
CA GLU B 96 -11.04 13.04 -1.81
C GLU B 96 -11.72 13.52 -0.53
N VAL B 97 -11.59 12.75 0.51
CA VAL B 97 -12.10 13.06 1.83
C VAL B 97 -10.91 13.47 2.72
N LEU B 98 -10.96 14.71 3.18
CA LEU B 98 -9.93 15.22 4.08
C LEU B 98 -10.56 15.25 5.47
N MET B 99 -9.81 14.72 6.43
CA MET B 99 -10.36 14.55 7.78
C MET B 99 -9.39 15.09 8.80
N ALA B 100 -9.88 15.92 9.69
CA ALA B 100 -9.09 16.50 10.76
C ALA B 100 -8.88 15.50 11.87
N LEU B 101 -7.62 15.21 12.16
CA LEU B 101 -7.37 14.32 13.30
C LEU B 101 -7.36 15.24 14.53
N PRO B 102 -7.42 14.66 15.71
CA PRO B 102 -7.43 15.43 16.93
C PRO B 102 -6.22 16.32 17.08
N ASP B 103 -5.03 15.87 16.70
CA ASP B 103 -3.82 16.67 16.80
C ASP B 103 -3.75 17.81 15.78
N GLY B 104 -4.61 17.78 14.76
CA GLY B 104 -4.60 18.82 13.75
C GLY B 104 -4.08 18.35 12.40
N GLN B 105 -3.36 17.24 12.33
CA GLN B 105 -2.91 16.73 11.03
C GLN B 105 -4.14 16.49 10.14
N THR B 106 -3.97 16.49 8.82
CA THR B 106 -5.07 16.23 7.93
C THR B 106 -4.87 14.81 7.35
N LEU B 107 -5.80 13.91 7.59
CA LEU B 107 -5.74 12.59 6.97
C LEU B 107 -6.44 12.69 5.61
N CYS B 108 -5.91 12.04 4.58
CA CYS B 108 -6.45 12.02 3.26
C CYS B 108 -6.88 10.62 2.81
N ALA B 109 -8.14 10.47 2.37
CA ALA B 109 -8.59 9.16 1.92
C ALA B 109 -9.15 9.31 0.50
N THR B 110 -8.92 8.31 -0.36
CA THR B 110 -9.53 8.39 -1.69
C THR B 110 -10.69 7.40 -1.57
N VAL B 111 -11.94 7.81 -1.71
CA VAL B 111 -13.09 6.92 -1.52
C VAL B 111 -13.99 6.87 -2.75
N PRO B 112 -14.34 5.70 -3.28
CA PRO B 112 -15.22 5.58 -4.41
C PRO B 112 -16.47 6.41 -4.17
N VAL B 113 -16.92 7.14 -5.19
CA VAL B 113 -18.03 8.06 -5.02
C VAL B 113 -19.26 7.44 -4.35
N ASN B 114 -19.52 6.17 -4.65
CA ASN B 114 -20.74 5.58 -4.11
C ASN B 114 -20.61 5.36 -2.60
N GLU B 115 -19.38 5.33 -2.09
CA GLU B 115 -19.20 5.10 -0.66
C GLU B 115 -19.15 6.42 0.08
N ALA B 116 -19.21 7.53 -0.64
CA ALA B 116 -19.11 8.84 0.00
C ALA B 116 -20.39 9.64 -0.06
N THR B 117 -21.46 9.03 -0.54
CA THR B 117 -22.73 9.73 -0.74
C THR B 117 -23.31 10.29 0.54
N SER B 118 -23.15 9.64 1.68
CA SER B 118 -23.72 10.20 2.89
C SER B 118 -22.72 11.03 3.67
N LEU B 119 -21.47 11.12 3.22
CA LEU B 119 -20.50 11.92 3.96
C LEU B 119 -20.59 13.41 3.69
N GLN B 120 -20.44 14.26 4.70
CA GLN B 120 -20.37 15.69 4.51
C GLN B 120 -19.44 16.34 5.54
N GLN B 121 -18.95 17.52 5.19
CA GLN B 121 -18.09 18.29 6.07
C GLN B 121 -18.68 18.56 7.45
N GLY B 122 -17.89 18.37 8.49
CA GLY B 122 -18.29 18.63 9.85
C GLY B 122 -18.75 17.39 10.60
N GLN B 123 -18.95 16.31 9.88
CA GLN B 123 -19.40 15.07 10.52
C GLN B 123 -18.30 14.30 11.25
N ASN B 124 -18.76 13.59 12.29
CA ASN B 124 -17.86 12.73 13.04
C ASN B 124 -17.79 11.39 12.28
N VAL B 125 -16.57 10.98 11.93
CA VAL B 125 -16.41 9.74 11.19
C VAL B 125 -15.20 8.99 11.75
N THR B 126 -14.93 7.80 11.24
CA THR B 126 -13.70 7.12 11.66
C THR B 126 -12.95 6.66 10.41
N ALA B 127 -11.65 6.94 10.35
CA ALA B 127 -10.82 6.43 9.25
C ALA B 127 -10.36 5.04 9.68
N TYR B 128 -10.22 4.08 8.79
CA TYR B 128 -9.83 2.72 9.21
C TYR B 128 -9.07 2.01 8.10
N PHE B 129 -8.17 1.12 8.49
CA PHE B 129 -7.33 0.40 7.50
C PHE B 129 -6.72 -0.77 8.24
N ASN B 130 -6.34 -1.85 7.54
CA ASN B 130 -5.69 -2.93 8.28
C ASN B 130 -4.19 -2.77 8.41
N ALA B 131 -3.61 -3.64 9.22
CA ALA B 131 -2.18 -3.62 9.50
C ALA B 131 -1.34 -3.91 8.26
N ASP B 132 -1.91 -4.71 7.35
CA ASP B 132 -1.12 -5.03 6.14
C ASP B 132 -1.30 -4.00 5.04
N SER B 133 -1.95 -2.86 5.34
CA SER B 133 -2.11 -1.84 4.31
C SER B 133 -1.23 -0.64 4.68
N VAL B 134 -0.13 -0.86 5.35
CA VAL B 134 0.75 0.25 5.72
C VAL B 134 2.19 -0.11 5.37
N ILE B 135 2.95 0.85 4.85
CA ILE B 135 4.38 0.57 4.60
C ILE B 135 5.21 1.32 5.66
N ILE B 136 6.28 0.68 6.13
CA ILE B 136 7.17 1.38 7.08
C ILE B 136 8.41 1.80 6.31
N ALA B 137 8.83 3.05 6.50
CA ALA B 137 10.04 3.57 5.87
C ALA B 137 11.03 4.03 6.92
N THR B 138 12.34 3.89 6.62
CA THR B 138 13.30 4.40 7.60
C THR B 138 13.75 5.76 7.09
N LEU B 139 14.28 6.60 7.98
CA LEU B 139 14.58 7.98 7.62
C LEU B 139 15.88 8.18 6.86
W WO4 C . 6.25 -5.74 3.48
O1 WO4 C . 7.57 -6.60 4.35
O2 WO4 C . 6.41 -5.75 1.77
O3 WO4 C . 4.78 -6.63 3.96
O4 WO4 C . 5.90 -4.10 4.08
W WO4 D . -1.62 8.55 -3.17
O1 WO4 D . -0.20 7.54 -3.68
O2 WO4 D . -1.55 10.13 -3.97
O3 WO4 D . -3.01 7.77 -3.88
O4 WO4 D . -1.87 8.71 -1.48
NI NI E . 2.17 -11.21 15.23
#